data_6PON
#
_entry.id   6PON
#
_cell.length_a   75.873
_cell.length_b   46.814
_cell.length_c   83.678
_cell.angle_alpha   90.000
_cell.angle_beta   90.931
_cell.angle_gamma   90.000
#
_symmetry.space_group_name_H-M   'P 1 21 1'
#
loop_
_entity.id
_entity.type
_entity.pdbx_description
1 polymer 'Adherence and virulence protein A'
2 water water
#
_entity_poly.entity_id   1
_entity_poly.type   'polypeptide(L)'
_entity_poly.pdbx_seq_one_letter_code
;MSFDGFFLHHIVEELRSELVNGRIQKINQPFEQELVLQIRSNRQSHRLLLSAHPVFGRIQLTQTTFENPAQPSTFIMVLR
KYLQGALIESIEQVENDRIVEITVSNKNEIGDHIQATLIIEIMGKHSNILLVDKSSHKILEVIKHVGFSQNSYRTLLPGS
TYIAPPSTESLNPFTIKDEKLFEILQTQELTAKNLQSLFQGLGRDTANELERILVSEKLSAFRNFFNQETKPCLTETSFS
PVPFANQAGEPFANLSDLLDTYYKNKLEHHHHHH
;
_entity_poly.pdbx_strand_id   A,B
#
# COMPACT_ATOMS: atom_id res chain seq x y z
N SER A 2 -29.49 21.92 11.12
CA SER A 2 -28.47 21.96 12.15
C SER A 2 -27.07 21.91 11.50
N PHE A 3 -26.57 20.76 11.10
CA PHE A 3 -25.40 20.76 10.21
C PHE A 3 -25.88 21.04 8.78
N ASP A 4 -26.38 22.25 8.56
CA ASP A 4 -26.82 22.71 7.25
C ASP A 4 -25.71 23.52 6.59
N GLY A 5 -25.99 23.98 5.37
CA GLY A 5 -24.99 24.77 4.66
C GLY A 5 -24.65 26.05 5.38
N PHE A 6 -25.66 26.66 6.04
CA PHE A 6 -25.44 27.84 6.85
C PHE A 6 -24.40 27.59 7.93
N PHE A 7 -24.55 26.49 8.68
CA PHE A 7 -23.58 26.15 9.72
C PHE A 7 -22.23 25.84 9.11
N LEU A 8 -22.21 25.04 8.04
CA LEU A 8 -20.96 24.66 7.42
C LEU A 8 -20.18 25.88 6.96
N HIS A 9 -20.88 26.92 6.48
CA HIS A 9 -20.20 28.16 6.11
C HIS A 9 -19.34 28.66 7.26
N HIS A 10 -19.90 28.68 8.47
CA HIS A 10 -19.14 29.15 9.62
C HIS A 10 -17.99 28.19 9.96
N ILE A 11 -18.24 26.88 9.82
CA ILE A 11 -17.20 25.86 10.01
C ILE A 11 -16.02 26.13 9.08
N VAL A 12 -16.32 26.36 7.80
CA VAL A 12 -15.27 26.45 6.77
C VAL A 12 -14.39 27.67 7.00
N GLU A 13 -14.98 28.79 7.42
CA GLU A 13 -14.18 29.97 7.69
C GLU A 13 -13.15 29.70 8.79
N GLU A 14 -13.60 29.09 9.89
CA GLU A 14 -12.69 28.64 10.94
C GLU A 14 -11.65 27.65 10.40
N LEU A 15 -12.08 26.68 9.59
CA LEU A 15 -11.16 25.70 9.04
C LEU A 15 -10.09 26.37 8.18
N ARG A 16 -10.49 27.31 7.32
CA ARG A 16 -9.50 27.95 6.46
C ARG A 16 -8.48 28.72 7.29
N SER A 17 -8.95 29.54 8.24
CA SER A 17 -7.98 30.34 8.98
C SER A 17 -7.06 29.46 9.83
N GLU A 18 -7.58 28.38 10.40
CA GLU A 18 -6.72 27.57 11.27
C GLU A 18 -5.76 26.69 10.47
N LEU A 19 -6.12 26.30 9.24
CA LEU A 19 -5.46 25.18 8.60
C LEU A 19 -4.76 25.51 7.30
N VAL A 20 -5.21 26.51 6.53
CA VAL A 20 -4.54 26.79 5.27
C VAL A 20 -3.08 27.11 5.53
N ASN A 21 -2.19 26.52 4.72
CA ASN A 21 -0.74 26.50 4.85
C ASN A 21 -0.22 25.54 5.91
N GLY A 22 -1.08 24.74 6.51
CA GLY A 22 -0.63 23.72 7.41
C GLY A 22 -0.18 22.47 6.66
N ARG A 23 0.41 21.54 7.41
CA ARG A 23 0.93 20.28 6.87
C ARG A 23 0.21 19.10 7.46
N ILE A 24 -0.30 18.22 6.60
CA ILE A 24 -0.89 16.98 7.07
C ILE A 24 0.22 16.06 7.54
N GLN A 25 0.18 15.74 8.82
CA GLN A 25 1.21 14.91 9.45
C GLN A 25 0.78 13.48 9.67
N LYS A 26 -0.50 13.26 9.93
CA LYS A 26 -1.00 11.91 10.19
C LYS A 26 -2.37 11.77 9.57
N ILE A 27 -2.62 10.60 9.00
CA ILE A 27 -3.89 10.26 8.37
C ILE A 27 -4.35 8.92 8.95
N ASN A 28 -5.56 8.89 9.49
CA ASN A 28 -6.11 7.63 10.01
C ASN A 28 -7.61 7.52 9.74
N GLN A 29 -8.11 6.29 9.99
CA GLN A 29 -9.49 5.89 9.73
C GLN A 29 -10.06 5.21 10.96
N PRO A 30 -10.46 6.00 11.97
CA PRO A 30 -10.96 5.37 13.21
C PRO A 30 -12.26 4.60 13.06
N PHE A 31 -13.12 4.98 12.11
CA PHE A 31 -14.30 4.19 11.81
C PHE A 31 -14.40 4.09 10.30
N GLU A 32 -15.16 3.08 9.86
CA GLU A 32 -15.26 2.71 8.45
C GLU A 32 -15.40 3.93 7.54
N GLN A 33 -16.28 4.86 7.90
CA GLN A 33 -16.59 5.99 7.04
C GLN A 33 -16.21 7.34 7.67
N GLU A 34 -15.19 7.36 8.53
CA GLU A 34 -14.71 8.62 9.10
C GLU A 34 -13.19 8.70 8.99
N LEU A 35 -12.70 9.92 8.73
CA LEU A 35 -11.32 10.16 8.38
C LEU A 35 -10.79 11.24 9.30
N VAL A 36 -9.66 10.98 9.94
CA VAL A 36 -9.08 11.92 10.89
C VAL A 36 -7.68 12.28 10.43
N LEU A 37 -7.44 13.57 10.28
CA LEU A 37 -6.14 14.10 9.90
C LEU A 37 -5.57 14.88 11.07
N GLN A 38 -4.30 14.65 11.35
CA GLN A 38 -3.54 15.51 12.26
C GLN A 38 -2.74 16.49 11.41
N ILE A 39 -2.86 17.78 11.70
CA ILE A 39 -2.30 18.84 10.87
C ILE A 39 -1.54 19.79 11.77
N ARG A 40 -0.32 20.15 11.35
CA ARG A 40 0.47 21.17 12.02
C ARG A 40 0.34 22.48 11.25
N SER A 41 -0.16 23.51 11.92
CA SER A 41 -0.40 24.79 11.28
C SER A 41 0.01 25.90 12.22
N ASN A 42 0.95 26.74 11.78
CA ASN A 42 1.46 27.87 12.56
C ASN A 42 1.90 27.41 13.95
N ARG A 43 2.74 26.38 13.96
CA ARG A 43 3.35 25.86 15.19
C ARG A 43 2.32 25.32 16.20
N GLN A 44 1.05 25.22 15.80
CA GLN A 44 0.07 24.50 16.60
C GLN A 44 -0.43 23.28 15.82
N SER A 45 -0.79 22.25 16.56
CA SER A 45 -1.32 21.02 16.00
C SER A 45 -2.84 21.05 16.01
N HIS A 46 -3.46 20.44 15.01
CA HIS A 46 -4.92 20.39 14.93
C HIS A 46 -5.37 19.03 14.45
N ARG A 47 -6.51 18.59 14.96
CA ARG A 47 -7.12 17.31 14.57
C ARG A 47 -8.41 17.59 13.82
N LEU A 48 -8.49 17.13 12.58
CA LEU A 48 -9.62 17.41 11.69
C LEU A 48 -10.39 16.11 11.42
N LEU A 49 -11.67 16.12 11.77
CA LEU A 49 -12.57 15.00 11.54
C LEU A 49 -13.39 15.24 10.28
N LEU A 50 -13.39 14.26 9.37
CA LEU A 50 -14.31 14.21 8.25
C LEU A 50 -15.15 12.96 8.46
N SER A 51 -16.45 13.12 8.62
CA SER A 51 -17.32 11.99 8.92
C SER A 51 -18.36 11.86 7.82
N ALA A 52 -18.41 10.68 7.21
CA ALA A 52 -19.46 10.30 6.27
C ALA A 52 -20.51 9.45 6.95
N HIS A 53 -20.62 9.59 8.26
CA HIS A 53 -21.60 8.82 9.00
C HIS A 53 -22.98 9.05 8.42
N PRO A 54 -23.77 8.00 8.19
CA PRO A 54 -25.04 8.16 7.47
C PRO A 54 -26.10 8.95 8.21
N VAL A 55 -25.94 9.17 9.52
CA VAL A 55 -26.82 10.04 10.27
C VAL A 55 -26.10 11.30 10.74
N PHE A 56 -24.85 11.17 11.19
CA PHE A 56 -24.12 12.25 11.85
C PHE A 56 -22.98 12.82 10.99
N GLY A 57 -23.02 12.63 9.68
CA GLY A 57 -22.02 13.19 8.79
C GLY A 57 -21.73 14.64 9.06
N ARG A 58 -20.44 14.99 9.11
CA ARG A 58 -20.03 16.34 9.44
C ARG A 58 -18.55 16.46 9.13
N ILE A 59 -18.04 17.69 9.24
CA ILE A 59 -16.61 17.98 9.25
C ILE A 59 -16.37 18.99 10.36
N GLN A 60 -15.26 18.83 11.08
CA GLN A 60 -15.01 19.66 12.25
C GLN A 60 -13.59 19.43 12.74
N LEU A 61 -13.00 20.46 13.33
CA LEU A 61 -11.85 20.27 14.19
C LEU A 61 -12.35 19.56 15.44
N THR A 62 -11.46 18.80 16.09
CA THR A 62 -11.95 18.05 17.22
C THR A 62 -10.83 17.86 18.24
N GLN A 63 -11.26 17.66 19.49
CA GLN A 63 -10.38 17.32 20.60
C GLN A 63 -10.42 15.86 20.98
N THR A 64 -11.32 15.09 20.37
CA THR A 64 -11.47 13.68 20.71
C THR A 64 -10.20 12.91 20.37
N THR A 65 -9.80 12.03 21.26
CA THR A 65 -8.76 11.05 20.93
C THR A 65 -9.44 9.84 20.31
N PHE A 66 -8.83 9.30 19.26
CA PHE A 66 -9.39 8.17 18.55
C PHE A 66 -8.50 6.93 18.70
N GLU A 67 -9.13 5.76 18.72
CA GLU A 67 -8.41 4.49 18.64
C GLU A 67 -8.15 4.17 17.18
N ASN A 68 -6.87 4.17 16.77
CA ASN A 68 -6.68 3.91 15.35
C ASN A 68 -6.49 2.43 15.06
N PRO A 69 -6.89 1.95 13.89
CA PRO A 69 -6.78 0.53 13.60
C PRO A 69 -5.33 0.07 13.51
N ALA A 70 -5.12 -1.19 13.88
CA ALA A 70 -3.77 -1.76 13.90
C ALA A 70 -3.08 -1.69 12.54
N GLN A 71 -3.83 -1.81 11.44
CA GLN A 71 -3.25 -1.76 10.11
C GLN A 71 -4.09 -0.90 9.18
N PRO A 72 -3.45 -0.13 8.31
CA PRO A 72 -4.19 0.78 7.43
C PRO A 72 -4.95 0.01 6.35
N SER A 73 -6.18 0.44 6.10
CA SER A 73 -6.90 -0.08 4.94
C SER A 73 -6.22 0.38 3.67
N THR A 74 -6.69 -0.17 2.55
CA THR A 74 -6.30 0.30 1.22
C THR A 74 -6.63 1.78 1.05
N PHE A 75 -7.80 2.20 1.55
CA PHE A 75 -8.23 3.57 1.36
C PHE A 75 -7.25 4.54 2.01
N ILE A 76 -6.84 4.24 3.26
CA ILE A 76 -5.91 5.11 3.98
C ILE A 76 -4.53 5.07 3.32
N MET A 77 -4.10 3.88 2.88
CA MET A 77 -2.78 3.77 2.29
C MET A 77 -2.66 4.66 1.07
N VAL A 78 -3.68 4.66 0.21
CA VAL A 78 -3.66 5.53 -0.94
C VAL A 78 -3.66 6.99 -0.50
N LEU A 79 -4.53 7.33 0.46
CA LEU A 79 -4.60 8.71 0.89
C LEU A 79 -3.27 9.21 1.44
N ARG A 80 -2.61 8.40 2.29
CA ARG A 80 -1.33 8.82 2.83
C ARG A 80 -0.32 9.06 1.72
N LYS A 81 -0.41 8.28 0.65
CA LYS A 81 0.54 8.45 -0.43
C LYS A 81 0.44 9.84 -1.02
N TYR A 82 -0.75 10.47 -0.98
CA TYR A 82 -0.89 11.84 -1.46
C TYR A 82 -0.92 12.88 -0.35
N LEU A 83 -1.37 12.54 0.84
CA LEU A 83 -1.58 13.54 1.88
C LEU A 83 -0.46 13.62 2.91
N GLN A 84 0.31 12.55 3.09
CA GLN A 84 1.38 12.56 4.08
C GLN A 84 2.35 13.69 3.80
N GLY A 85 2.45 14.64 4.72
CA GLY A 85 3.31 15.78 4.50
C GLY A 85 2.80 16.79 3.50
N ALA A 86 1.51 16.73 3.14
CA ALA A 86 0.98 17.63 2.13
C ALA A 86 0.72 19.02 2.72
N LEU A 87 0.85 20.02 1.87
CA LEU A 87 0.54 21.40 2.24
C LEU A 87 -0.92 21.69 1.90
N ILE A 88 -1.65 22.27 2.86
CA ILE A 88 -3.05 22.64 2.61
C ILE A 88 -3.09 23.99 1.93
N GLU A 89 -3.62 24.03 0.71
CA GLU A 89 -3.64 25.25 -0.09
C GLU A 89 -4.96 26.00 -0.04
N SER A 90 -6.10 25.29 -0.01
CA SER A 90 -7.36 26.00 0.16
C SER A 90 -8.37 25.08 0.81
N ILE A 91 -9.35 25.69 1.46
CA ILE A 91 -10.49 25.01 2.04
C ILE A 91 -11.71 25.81 1.61
N GLU A 92 -12.57 25.18 0.81
CA GLU A 92 -13.70 25.88 0.21
C GLU A 92 -14.97 25.03 0.33
N GLN A 93 -16.07 25.73 0.49
CA GLN A 93 -17.40 25.17 0.38
C GLN A 93 -17.86 25.34 -1.06
N VAL A 94 -18.56 24.35 -1.58
CA VAL A 94 -19.22 24.50 -2.87
C VAL A 94 -20.50 25.28 -2.62
N GLU A 95 -20.49 26.57 -3.01
CA GLU A 95 -21.63 27.48 -2.85
C GLU A 95 -22.08 27.40 -1.38
N ASN A 96 -23.36 27.27 -1.09
CA ASN A 96 -23.84 27.01 0.26
C ASN A 96 -24.38 25.59 0.38
N ASP A 97 -23.92 24.68 -0.49
CA ASP A 97 -24.21 23.26 -0.35
C ASP A 97 -23.31 22.65 0.73
N ARG A 98 -23.60 21.41 1.10
CA ARG A 98 -22.84 20.73 2.15
C ARG A 98 -21.70 19.91 1.55
N ILE A 99 -20.77 20.61 0.91
CA ILE A 99 -19.61 19.97 0.29
C ILE A 99 -18.39 20.83 0.59
N VAL A 100 -17.36 20.22 1.17
CA VAL A 100 -16.11 20.92 1.43
C VAL A 100 -15.04 20.30 0.55
N GLU A 101 -14.20 21.16 -0.02
CA GLU A 101 -13.10 20.75 -0.89
C GLU A 101 -11.80 21.25 -0.27
N ILE A 102 -10.86 20.33 -0.03
CA ILE A 102 -9.59 20.68 0.59
C ILE A 102 -8.50 20.36 -0.42
N THR A 103 -7.95 21.40 -1.04
CA THR A 103 -6.89 21.25 -2.05
C THR A 103 -5.52 21.25 -1.37
N VAL A 104 -4.70 20.29 -1.73
CA VAL A 104 -3.39 20.15 -1.13
C VAL A 104 -2.35 20.07 -2.24
N SER A 105 -1.10 20.28 -1.86
CA SER A 105 0.04 20.07 -2.74
C SER A 105 1.06 19.22 -2.00
N ASN A 106 1.88 18.51 -2.77
CA ASN A 106 2.80 17.55 -2.19
C ASN A 106 3.82 17.19 -3.26
N LYS A 107 4.78 16.35 -2.87
CA LYS A 107 5.74 15.75 -3.78
C LYS A 107 5.45 14.25 -3.90
N ASN A 108 5.73 13.69 -5.06
CA ASN A 108 5.64 12.24 -5.17
C ASN A 108 7.02 11.64 -4.91
N GLU A 109 7.18 10.36 -5.19
CA GLU A 109 8.43 9.70 -4.81
C GLU A 109 9.55 9.95 -5.81
N ILE A 110 9.28 10.63 -6.92
CA ILE A 110 10.36 11.10 -7.79
C ILE A 110 10.55 12.60 -7.69
N GLY A 111 9.98 13.25 -6.67
CA GLY A 111 10.22 14.66 -6.42
C GLY A 111 9.33 15.66 -7.14
N ASP A 112 8.39 15.22 -7.98
CA ASP A 112 7.50 16.15 -8.65
C ASP A 112 6.39 16.66 -7.72
N HIS A 113 6.07 17.94 -7.87
CA HIS A 113 5.00 18.61 -7.13
C HIS A 113 3.64 18.19 -7.67
N ILE A 114 2.76 17.71 -6.80
CA ILE A 114 1.46 17.26 -7.26
C ILE A 114 0.38 17.93 -6.43
N GLN A 115 -0.84 17.95 -6.99
CA GLN A 115 -1.99 18.51 -6.32
C GLN A 115 -3.13 17.51 -6.31
N ALA A 116 -3.86 17.47 -5.19
CA ALA A 116 -5.00 16.60 -5.04
C ALA A 116 -6.06 17.34 -4.24
N THR A 117 -7.29 16.83 -4.25
CA THR A 117 -8.38 17.48 -3.55
C THR A 117 -9.14 16.49 -2.69
N LEU A 118 -9.19 16.78 -1.38
CA LEU A 118 -9.95 15.97 -0.45
C LEU A 118 -11.34 16.59 -0.36
N ILE A 119 -12.37 15.79 -0.66
CA ILE A 119 -13.74 16.25 -0.78
C ILE A 119 -14.58 15.44 0.19
N ILE A 120 -15.41 16.13 0.95
CA ILE A 120 -16.42 15.47 1.75
C ILE A 120 -17.77 15.94 1.26
N GLU A 121 -18.64 14.99 0.95
CA GLU A 121 -19.99 15.21 0.44
C GLU A 121 -20.96 14.77 1.52
N ILE A 122 -21.77 15.70 2.01
CA ILE A 122 -22.88 15.36 2.90
C ILE A 122 -24.17 15.65 2.13
N MET A 123 -24.73 14.62 1.50
CA MET A 123 -25.93 14.83 0.70
C MET A 123 -27.14 14.23 1.39
N GLY A 124 -28.30 14.36 0.74
CA GLY A 124 -29.52 13.81 1.29
C GLY A 124 -29.46 12.30 1.42
N LYS A 125 -29.17 11.62 0.32
CA LYS A 125 -29.23 10.17 0.34
C LYS A 125 -27.89 9.53 0.63
N HIS A 126 -26.80 10.13 0.15
CA HIS A 126 -25.48 9.52 0.22
C HIS A 126 -24.44 10.54 0.70
N SER A 127 -23.55 10.07 1.56
CA SER A 127 -22.43 10.84 2.07
C SER A 127 -21.17 10.15 1.63
N ASN A 128 -20.10 10.92 1.42
CA ASN A 128 -18.89 10.24 0.99
C ASN A 128 -17.69 11.15 1.20
N ILE A 129 -16.51 10.53 1.17
CA ILE A 129 -15.23 11.21 1.27
C ILE A 129 -14.37 10.74 0.11
N LEU A 130 -13.84 11.68 -0.66
CA LEU A 130 -13.13 11.38 -1.89
C LEU A 130 -11.81 12.11 -1.94
N LEU A 131 -10.80 11.46 -2.51
CA LEU A 131 -9.55 12.08 -2.90
C LEU A 131 -9.48 12.03 -4.42
N VAL A 132 -9.26 13.19 -5.05
CA VAL A 132 -9.35 13.33 -6.50
C VAL A 132 -8.08 14.03 -7.00
N ASP A 133 -7.45 13.43 -8.00
CA ASP A 133 -6.34 14.09 -8.68
C ASP A 133 -6.83 15.39 -9.31
N LYS A 134 -6.05 16.45 -9.16
CA LYS A 134 -6.49 17.74 -9.67
C LYS A 134 -6.39 17.81 -11.20
N SER A 135 -5.21 17.47 -11.75
CA SER A 135 -4.99 17.68 -13.18
C SER A 135 -5.90 16.80 -14.03
N SER A 136 -6.13 15.55 -13.60
CA SER A 136 -6.92 14.58 -14.36
C SER A 136 -8.39 14.52 -13.97
N HIS A 137 -8.75 14.94 -12.75
CA HIS A 137 -10.09 14.88 -12.19
C HIS A 137 -10.56 13.45 -11.95
N LYS A 138 -9.63 12.53 -11.77
CA LYS A 138 -9.97 11.13 -11.52
C LYS A 138 -9.93 10.86 -10.02
N ILE A 139 -10.90 10.07 -9.54
CA ILE A 139 -10.87 9.63 -8.17
C ILE A 139 -9.63 8.79 -7.94
N LEU A 140 -8.85 9.13 -6.91
CA LEU A 140 -7.73 8.34 -6.39
C LEU A 140 -8.19 7.30 -5.37
N GLU A 141 -9.09 7.67 -4.48
CA GLU A 141 -9.76 6.73 -3.59
C GLU A 141 -11.00 7.45 -3.04
N VAL A 142 -11.90 6.66 -2.49
CA VAL A 142 -13.19 7.14 -1.99
C VAL A 142 -13.62 6.18 -0.89
N ILE A 143 -14.18 6.74 0.19
CA ILE A 143 -14.37 5.96 1.40
C ILE A 143 -15.53 4.95 1.28
N LYS A 144 -16.54 5.25 0.45
CA LYS A 144 -17.58 4.26 0.13
C LYS A 144 -17.54 4.04 -1.36
N HIS A 145 -17.11 2.85 -1.79
CA HIS A 145 -17.08 2.55 -3.22
C HIS A 145 -18.48 2.31 -3.74
N VAL A 146 -18.73 2.82 -4.93
CA VAL A 146 -19.98 2.58 -5.64
C VAL A 146 -19.62 1.98 -6.99
N GLY A 147 -19.94 0.69 -7.18
CA GLY A 147 -19.45 -0.04 -8.34
C GLY A 147 -20.00 0.47 -9.65
N PHE A 148 -19.30 0.10 -10.72
CA PHE A 148 -19.72 0.52 -12.05
C PHE A 148 -21.09 -0.08 -12.38
N SER A 149 -21.93 0.74 -12.98
CA SER A 149 -23.30 0.32 -13.31
C SER A 149 -23.71 1.03 -14.58
N GLN A 150 -24.21 0.27 -15.55
CA GLN A 150 -24.53 0.84 -16.85
C GLN A 150 -25.58 1.95 -16.69
N ASN A 151 -25.32 3.08 -17.35
CA ASN A 151 -26.23 4.23 -17.40
C ASN A 151 -26.46 4.91 -16.03
N SER A 152 -25.63 4.66 -15.03
CA SER A 152 -25.75 5.38 -13.77
C SER A 152 -25.12 6.78 -13.87
N TYR A 153 -25.37 7.59 -12.85
CA TYR A 153 -24.94 8.98 -12.89
C TYR A 153 -23.42 9.11 -12.81
N ARG A 154 -22.78 8.35 -11.92
CA ARG A 154 -21.33 8.35 -11.82
C ARG A 154 -20.87 7.05 -11.18
N THR A 155 -19.61 6.70 -11.44
CA THR A 155 -18.93 5.61 -10.77
C THR A 155 -18.03 6.20 -9.70
N LEU A 156 -18.13 5.69 -8.48
CA LEU A 156 -17.27 6.16 -7.39
C LEU A 156 -16.29 5.03 -7.09
N LEU A 157 -15.22 4.99 -7.87
CA LEU A 157 -14.19 3.97 -7.81
C LEU A 157 -12.87 4.62 -8.16
N PRO A 158 -11.76 4.16 -7.58
CA PRO A 158 -10.44 4.58 -8.07
C PRO A 158 -10.35 4.40 -9.57
N GLY A 159 -9.87 5.45 -10.25
CA GLY A 159 -9.71 5.44 -11.68
C GLY A 159 -10.80 6.19 -12.43
N SER A 160 -11.99 6.32 -11.83
CA SER A 160 -13.10 6.98 -12.50
C SER A 160 -13.00 8.49 -12.39
N THR A 161 -13.57 9.17 -13.37
CA THR A 161 -13.67 10.62 -13.33
C THR A 161 -14.62 11.05 -12.24
N TYR A 162 -14.21 12.01 -11.43
CA TYR A 162 -15.09 12.57 -10.43
C TYR A 162 -16.14 13.44 -11.10
N ILE A 163 -17.42 13.18 -10.77
CA ILE A 163 -18.53 14.01 -11.20
C ILE A 163 -19.21 14.58 -9.96
N ALA A 164 -19.36 15.89 -9.92
CA ALA A 164 -19.89 16.52 -8.72
C ALA A 164 -21.37 16.21 -8.55
N PRO A 165 -21.87 16.25 -7.31
CA PRO A 165 -23.30 16.08 -7.11
C PRO A 165 -24.08 17.15 -7.85
N PRO A 166 -25.32 16.86 -8.24
CA PRO A 166 -26.15 17.88 -8.89
C PRO A 166 -26.55 18.96 -7.92
N SER A 167 -26.70 20.17 -8.44
CA SER A 167 -27.13 21.30 -7.65
C SER A 167 -28.63 21.54 -7.84
N THR A 168 -29.17 22.43 -7.03
CA THR A 168 -30.55 22.85 -7.23
C THR A 168 -30.56 24.24 -7.83
N GLU A 169 -31.77 24.72 -8.09
CA GLU A 169 -31.98 26.05 -8.60
C GLU A 169 -32.04 27.09 -7.50
N SER A 170 -32.01 26.68 -6.23
CA SER A 170 -32.12 27.65 -5.16
C SER A 170 -30.82 28.44 -5.01
N LEU A 171 -30.94 29.66 -4.50
CA LEU A 171 -29.87 30.63 -4.54
C LEU A 171 -29.00 30.64 -3.28
N ASN A 172 -27.72 30.87 -3.48
CA ASN A 172 -26.79 31.02 -2.37
C ASN A 172 -27.09 32.31 -1.62
N PRO A 173 -27.56 32.24 -0.38
CA PRO A 173 -27.90 33.46 0.37
C PRO A 173 -26.70 34.32 0.71
N PHE A 174 -25.52 33.73 0.79
CA PHE A 174 -24.33 34.48 1.18
C PHE A 174 -23.84 35.41 0.08
N THR A 175 -24.07 35.08 -1.18
CA THR A 175 -23.44 35.79 -2.29
C THR A 175 -24.43 36.44 -3.24
N ILE A 176 -25.73 36.27 -3.00
CA ILE A 176 -26.73 36.84 -3.87
C ILE A 176 -26.54 38.36 -3.96
N LYS A 177 -26.65 38.88 -5.19
CA LYS A 177 -26.46 40.30 -5.44
C LYS A 177 -27.62 41.11 -4.89
N ASP A 178 -27.31 42.37 -4.50
CA ASP A 178 -28.32 43.28 -3.95
C ASP A 178 -29.60 43.26 -4.78
N GLU A 179 -29.45 43.29 -6.11
CA GLU A 179 -30.63 43.48 -6.94
C GLU A 179 -31.56 42.28 -6.86
N LYS A 180 -31.01 41.07 -7.04
CA LYS A 180 -31.85 39.86 -7.00
C LYS A 180 -32.42 39.60 -5.62
N LEU A 181 -31.63 39.81 -4.57
CA LEU A 181 -32.14 39.69 -3.21
C LEU A 181 -33.31 40.65 -2.99
N PHE A 182 -33.10 41.92 -3.32
CA PHE A 182 -34.14 42.92 -3.17
C PHE A 182 -35.45 42.46 -3.80
N GLU A 183 -35.36 41.91 -5.01
CA GLU A 183 -36.55 41.40 -5.70
C GLU A 183 -37.20 40.24 -4.92
N ILE A 184 -36.38 39.31 -4.43
CA ILE A 184 -36.93 38.20 -3.65
C ILE A 184 -37.60 38.70 -2.39
N LEU A 185 -36.99 39.66 -1.70
CA LEU A 185 -37.50 40.11 -0.40
C LEU A 185 -38.75 40.99 -0.53
N GLN A 186 -38.86 41.75 -1.61
CA GLN A 186 -40.03 42.58 -1.84
C GLN A 186 -41.24 41.79 -2.30
N THR A 187 -41.06 40.61 -2.89
CA THR A 187 -42.16 39.94 -3.57
C THR A 187 -42.50 38.56 -3.04
N GLN A 188 -41.66 37.94 -2.23
CA GLN A 188 -41.97 36.60 -1.75
C GLN A 188 -42.46 36.65 -0.31
N GLU A 189 -43.31 35.69 0.05
CA GLU A 189 -43.66 35.43 1.44
C GLU A 189 -42.51 34.73 2.14
N LEU A 190 -41.91 35.37 3.13
CA LEU A 190 -40.68 34.88 3.73
C LEU A 190 -40.95 33.98 4.95
N THR A 191 -41.73 32.94 4.69
CA THR A 191 -41.88 31.86 5.65
C THR A 191 -40.66 30.95 5.57
N ALA A 192 -40.39 30.27 6.69
CA ALA A 192 -39.27 29.33 6.76
C ALA A 192 -39.29 28.34 5.60
N LYS A 193 -40.46 27.78 5.30
CA LYS A 193 -40.57 26.83 4.21
C LYS A 193 -40.20 27.48 2.87
N ASN A 194 -40.72 28.68 2.60
CA ASN A 194 -40.38 29.36 1.36
C ASN A 194 -38.89 29.67 1.31
N LEU A 195 -38.33 30.12 2.44
CA LEU A 195 -36.91 30.41 2.47
C LEU A 195 -36.08 29.17 2.17
N GLN A 196 -36.54 27.99 2.59
CA GLN A 196 -35.82 26.78 2.20
C GLN A 196 -35.91 26.52 0.70
N SER A 197 -36.99 26.95 0.03
CA SER A 197 -37.06 26.71 -1.41
C SER A 197 -36.27 27.76 -2.15
N LEU A 198 -36.31 29.00 -1.68
CA LEU A 198 -35.64 30.10 -2.40
C LEU A 198 -34.12 30.04 -2.21
N PHE A 199 -33.64 29.59 -1.07
CA PHE A 199 -32.23 29.74 -0.77
C PHE A 199 -31.61 28.39 -0.46
N GLN A 200 -30.39 28.21 -0.93
CA GLN A 200 -29.70 26.94 -0.79
C GLN A 200 -29.08 26.81 0.59
N GLY A 201 -29.21 25.62 1.16
CA GLY A 201 -28.44 25.24 2.34
C GLY A 201 -28.95 25.77 3.66
N LEU A 202 -30.24 25.97 3.80
CA LEU A 202 -30.83 26.40 5.04
C LEU A 202 -31.60 25.23 5.64
N GLY A 203 -31.20 24.81 6.85
CA GLY A 203 -31.99 23.86 7.60
C GLY A 203 -33.29 24.46 8.11
N ARG A 204 -34.19 23.58 8.51
CA ARG A 204 -35.48 24.04 9.00
C ARG A 204 -35.33 24.95 10.23
N ASP A 205 -34.40 24.63 11.14
CA ASP A 205 -34.16 25.53 12.25
C ASP A 205 -33.59 26.86 11.78
N THR A 206 -32.57 26.81 10.92
CA THR A 206 -32.00 28.05 10.40
C THR A 206 -33.08 28.87 9.74
N ALA A 207 -33.90 28.23 8.89
CA ALA A 207 -34.95 28.94 8.18
C ALA A 207 -35.97 29.54 9.14
N ASN A 208 -36.41 28.76 10.14
CA ASN A 208 -37.28 29.31 11.17
C ASN A 208 -36.65 30.53 11.83
N GLU A 209 -35.36 30.48 12.13
CA GLU A 209 -34.73 31.61 12.80
C GLU A 209 -34.64 32.81 11.87
N LEU A 210 -34.37 32.58 10.58
CA LEU A 210 -34.30 33.70 9.65
C LEU A 210 -35.66 34.38 9.48
N GLU A 211 -36.73 33.59 9.38
CA GLU A 211 -38.06 34.18 9.32
C GLU A 211 -38.32 35.05 10.54
N ARG A 212 -37.97 34.54 11.73
CA ARG A 212 -38.21 35.28 12.96
C ARG A 212 -37.41 36.58 12.98
N ILE A 213 -36.12 36.50 12.64
CA ILE A 213 -35.24 37.66 12.62
C ILE A 213 -35.81 38.75 11.72
N LEU A 214 -36.30 38.36 10.53
CA LEU A 214 -36.86 39.35 9.61
C LEU A 214 -38.04 40.09 10.24
N VAL A 215 -38.90 39.35 10.95
CA VAL A 215 -40.08 40.00 11.52
C VAL A 215 -39.70 40.87 12.71
N SER A 216 -38.78 40.39 13.56
CA SER A 216 -38.48 41.15 14.77
C SER A 216 -37.62 42.37 14.46
N GLU A 217 -36.84 42.33 13.37
CA GLU A 217 -36.11 43.53 12.95
C GLU A 217 -37.06 44.55 12.34
N LYS A 218 -38.11 44.08 11.65
CA LYS A 218 -39.13 44.99 11.16
C LYS A 218 -39.85 45.64 12.33
N LEU A 219 -40.09 44.87 13.39
CA LEU A 219 -40.72 45.42 14.59
C LEU A 219 -39.88 46.52 15.19
N SER A 220 -38.58 46.27 15.31
CA SER A 220 -37.65 47.26 15.82
C SER A 220 -37.66 48.52 14.95
N ALA A 221 -37.61 48.35 13.63
CA ALA A 221 -37.65 49.48 12.73
C ALA A 221 -38.97 50.20 12.85
N PHE A 222 -40.04 49.45 13.10
CA PHE A 222 -41.39 50.03 13.22
C PHE A 222 -41.47 50.95 14.43
N ARG A 223 -40.99 50.49 15.58
CA ARG A 223 -41.03 51.27 16.81
C ARG A 223 -40.21 52.55 16.65
N ASN A 224 -38.97 52.42 16.19
CA ASN A 224 -38.09 53.57 16.06
C ASN A 224 -38.73 54.66 15.21
N PHE A 225 -39.43 54.28 14.14
CA PHE A 225 -40.07 55.29 13.31
C PHE A 225 -41.14 56.06 14.10
N PHE A 226 -41.82 55.41 15.02
CA PHE A 226 -42.85 56.08 15.77
C PHE A 226 -42.36 56.65 17.09
N ASN A 227 -41.12 56.40 17.49
CA ASN A 227 -40.63 56.96 18.74
C ASN A 227 -39.51 57.98 18.54
N GLN A 228 -39.21 58.35 17.30
CA GLN A 228 -38.09 59.24 17.11
C GLN A 228 -38.51 60.69 17.41
N GLU A 229 -37.52 61.50 17.75
CA GLU A 229 -37.74 62.89 18.11
C GLU A 229 -38.24 63.69 16.92
N THR A 230 -38.95 64.77 17.23
CA THR A 230 -39.47 65.65 16.19
C THR A 230 -38.33 66.36 15.48
N LYS A 231 -38.35 66.32 14.15
CA LYS A 231 -37.35 67.02 13.33
C LYS A 231 -38.11 67.55 12.12
N PRO A 232 -38.60 68.79 12.19
CA PRO A 232 -39.44 69.33 11.12
C PRO A 232 -38.71 69.41 9.79
N CYS A 233 -39.41 69.00 8.73
CA CYS A 233 -38.81 68.88 7.40
C CYS A 233 -39.85 69.15 6.31
N LEU A 234 -39.40 69.83 5.26
CA LEU A 234 -40.18 69.95 4.03
C LEU A 234 -39.83 68.80 3.11
N THR A 235 -40.86 68.12 2.57
CA THR A 235 -40.66 67.11 1.55
C THR A 235 -40.80 67.77 0.17
N GLU A 236 -40.97 66.97 -0.88
CA GLU A 236 -41.04 67.57 -2.21
C GLU A 236 -42.35 68.32 -2.41
N THR A 237 -43.47 67.66 -2.14
CA THR A 237 -44.78 68.28 -2.28
C THR A 237 -45.44 68.61 -0.95
N SER A 238 -44.84 68.22 0.17
CA SER A 238 -45.51 68.37 1.45
C SER A 238 -44.53 68.70 2.56
N PHE A 239 -44.69 68.07 3.72
CA PHE A 239 -43.92 68.39 4.92
C PHE A 239 -44.03 67.19 5.86
N SER A 240 -43.11 67.10 6.80
CA SER A 240 -43.09 65.92 7.65
C SER A 240 -42.64 66.28 9.05
N PRO A 241 -43.14 65.58 10.08
CA PRO A 241 -42.68 65.85 11.44
C PRO A 241 -41.28 65.30 11.71
N VAL A 242 -40.89 64.26 10.98
CA VAL A 242 -39.52 63.74 11.02
C VAL A 242 -39.03 63.67 9.58
N PRO A 243 -37.72 63.53 9.38
CA PRO A 243 -37.20 63.41 8.01
C PRO A 243 -37.66 62.11 7.32
N PHE A 244 -38.05 62.23 6.05
CA PHE A 244 -38.53 61.11 5.26
C PHE A 244 -37.49 60.70 4.22
N ALA A 253 -36.78 73.90 13.28
CA ALA A 253 -36.87 74.62 14.57
C ALA A 253 -38.06 74.17 15.41
N ASN A 254 -39.23 74.16 14.78
CA ASN A 254 -40.40 73.49 15.32
C ASN A 254 -41.39 73.32 14.18
N LEU A 255 -42.45 72.57 14.44
CA LEU A 255 -43.39 72.25 13.38
C LEU A 255 -44.22 73.45 12.93
N SER A 256 -44.36 74.46 13.80
CA SER A 256 -45.16 75.61 13.41
C SER A 256 -44.40 76.51 12.44
N ASP A 257 -43.10 76.68 12.67
CA ASP A 257 -42.32 77.44 11.71
C ASP A 257 -42.31 76.75 10.36
N LEU A 258 -42.21 75.42 10.37
CA LEU A 258 -42.30 74.62 9.15
C LEU A 258 -43.59 74.92 8.39
N LEU A 259 -44.74 74.86 9.07
CA LEU A 259 -46.02 75.04 8.37
C LEU A 259 -46.21 76.48 7.93
N ASP A 260 -45.71 77.45 8.69
CA ASP A 260 -45.73 78.82 8.18
C ASP A 260 -45.03 78.90 6.84
N THR A 261 -43.83 78.33 6.74
CA THR A 261 -43.07 78.41 5.49
C THR A 261 -43.77 77.67 4.35
N TYR A 262 -44.38 76.52 4.66
CA TYR A 262 -45.01 75.72 3.61
C TYR A 262 -46.19 76.42 2.99
N TYR A 263 -46.94 77.22 3.76
CA TYR A 263 -48.12 77.91 3.24
C TYR A 263 -47.78 79.36 2.90
N LYS A 264 -46.91 79.50 1.91
CA LYS A 264 -46.57 80.80 1.34
C LYS A 264 -46.29 80.62 -0.14
N SER B 2 22.09 -21.93 -15.09
CA SER B 2 22.87 -20.78 -14.65
C SER B 2 22.33 -20.36 -13.31
N PHE B 3 21.17 -19.70 -13.29
CA PHE B 3 20.48 -19.46 -12.02
C PHE B 3 19.55 -20.63 -11.69
N ASP B 4 20.19 -21.77 -11.39
CA ASP B 4 19.50 -22.98 -10.97
C ASP B 4 19.56 -23.12 -9.44
N GLY B 5 18.98 -24.21 -8.93
CA GLY B 5 19.02 -24.47 -7.50
C GLY B 5 20.45 -24.55 -6.97
N PHE B 6 21.34 -25.16 -7.75
CA PHE B 6 22.74 -25.28 -7.35
C PHE B 6 23.37 -23.91 -7.16
N PHE B 7 23.20 -23.01 -8.13
CA PHE B 7 23.67 -21.63 -7.97
C PHE B 7 23.04 -20.98 -6.75
N LEU B 8 21.74 -21.14 -6.61
CA LEU B 8 21.02 -20.49 -5.52
C LEU B 8 21.50 -21.00 -4.16
N HIS B 9 21.89 -22.29 -4.09
CA HIS B 9 22.46 -22.79 -2.86
C HIS B 9 23.66 -21.96 -2.43
N HIS B 10 24.48 -21.54 -3.40
CA HIS B 10 25.66 -20.76 -3.05
C HIS B 10 25.29 -19.35 -2.64
N ILE B 11 24.45 -18.66 -3.43
CA ILE B 11 24.24 -17.25 -3.13
C ILE B 11 23.39 -17.06 -1.87
N VAL B 12 22.54 -18.03 -1.54
CA VAL B 12 21.68 -17.83 -0.38
C VAL B 12 22.50 -17.87 0.89
N GLU B 13 23.65 -18.56 0.85
CA GLU B 13 24.58 -18.52 1.99
C GLU B 13 25.19 -17.13 2.15
N GLU B 14 25.56 -16.47 1.05
CA GLU B 14 26.04 -15.09 1.10
C GLU B 14 24.95 -14.15 1.61
N LEU B 15 23.72 -14.31 1.10
CA LEU B 15 22.65 -13.41 1.50
C LEU B 15 22.38 -13.58 2.99
N ARG B 16 22.46 -14.82 3.47
CA ARG B 16 22.24 -15.08 4.88
C ARG B 16 23.24 -14.31 5.74
N SER B 17 24.53 -14.48 5.47
CA SER B 17 25.53 -13.89 6.34
C SER B 17 25.63 -12.38 6.15
N GLU B 18 25.17 -11.84 5.03
CA GLU B 18 25.22 -10.39 4.91
C GLU B 18 24.00 -9.69 5.45
N LEU B 19 22.87 -10.39 5.54
CA LEU B 19 21.60 -9.73 5.74
C LEU B 19 20.87 -10.12 7.01
N VAL B 20 21.05 -11.34 7.52
CA VAL B 20 20.24 -11.79 8.65
C VAL B 20 20.46 -10.84 9.82
N ASN B 21 19.37 -10.51 10.51
CA ASN B 21 19.30 -9.54 11.60
C ASN B 21 19.49 -8.11 11.11
N GLY B 22 19.48 -7.90 9.79
CA GLY B 22 19.39 -6.57 9.26
C GLY B 22 18.00 -6.01 9.38
N ARG B 23 17.86 -4.75 8.97
CA ARG B 23 16.58 -4.05 8.99
C ARG B 23 16.28 -3.58 7.58
N ILE B 24 15.06 -3.84 7.12
CA ILE B 24 14.62 -3.35 5.81
C ILE B 24 14.23 -1.90 5.96
N GLN B 25 14.91 -1.03 5.23
CA GLN B 25 14.73 0.42 5.34
C GLN B 25 13.95 1.03 4.20
N LYS B 26 13.90 0.38 3.04
CA LYS B 26 13.25 0.99 1.88
C LYS B 26 12.80 -0.13 0.96
N ILE B 27 11.65 0.07 0.31
CA ILE B 27 11.01 -0.97 -0.49
C ILE B 27 10.46 -0.29 -1.75
N ASN B 28 10.95 -0.70 -2.92
CA ASN B 28 10.50 -0.15 -4.19
C ASN B 28 10.37 -1.25 -5.23
N GLN B 29 9.60 -0.92 -6.28
CA GLN B 29 9.32 -1.77 -7.45
C GLN B 29 9.78 -1.02 -8.69
N PRO B 30 11.10 -1.02 -8.99
CA PRO B 30 11.57 -0.26 -10.17
C PRO B 30 10.99 -0.75 -11.48
N PHE B 31 10.88 -2.06 -11.66
CA PHE B 31 10.18 -2.61 -12.82
C PHE B 31 9.00 -3.44 -12.34
N GLU B 32 8.12 -3.80 -13.28
CA GLU B 32 6.85 -4.42 -12.90
C GLU B 32 7.05 -5.66 -12.07
N GLN B 33 7.99 -6.52 -12.47
CA GLN B 33 8.18 -7.80 -11.78
C GLN B 33 9.46 -7.83 -10.99
N GLU B 34 9.93 -6.67 -10.53
CA GLU B 34 11.16 -6.63 -9.77
C GLU B 34 10.95 -5.86 -8.48
N LEU B 35 11.54 -6.37 -7.40
CA LEU B 35 11.42 -5.77 -6.08
C LEU B 35 12.83 -5.53 -5.55
N VAL B 36 13.08 -4.33 -5.04
CA VAL B 36 14.38 -3.95 -4.47
C VAL B 36 14.18 -3.48 -3.03
N LEU B 37 14.96 -4.06 -2.12
CA LEU B 37 14.94 -3.71 -0.71
C LEU B 37 16.27 -3.08 -0.33
N GLN B 38 16.22 -1.90 0.29
CA GLN B 38 17.40 -1.37 0.97
C GLN B 38 17.41 -1.94 2.38
N ILE B 39 18.50 -2.62 2.75
CA ILE B 39 18.60 -3.31 4.02
C ILE B 39 19.86 -2.83 4.73
N ARG B 40 19.71 -2.38 5.98
CA ARG B 40 20.84 -2.03 6.81
C ARG B 40 21.21 -3.23 7.67
N SER B 41 22.51 -3.55 7.71
CA SER B 41 23.00 -4.74 8.37
C SER B 41 24.50 -4.60 8.60
N ASN B 42 24.94 -4.97 9.81
CA ASN B 42 26.36 -4.83 10.19
C ASN B 42 26.88 -3.42 9.92
N ARG B 43 26.06 -2.42 10.27
CA ARG B 43 26.39 -1.01 10.09
C ARG B 43 26.60 -0.60 8.62
N GLN B 44 26.35 -1.51 7.67
CA GLN B 44 26.45 -1.19 6.26
C GLN B 44 25.06 -1.24 5.63
N SER B 45 24.89 -0.51 4.54
CA SER B 45 23.67 -0.58 3.79
C SER B 45 23.85 -1.55 2.62
N HIS B 46 22.76 -2.20 2.24
CA HIS B 46 22.75 -3.23 1.20
C HIS B 46 21.50 -3.07 0.34
N ARG B 47 21.61 -3.54 -0.90
CA ARG B 47 20.54 -3.42 -1.88
C ARG B 47 20.21 -4.82 -2.42
N LEU B 48 19.04 -5.35 -2.05
CA LEU B 48 18.60 -6.70 -2.40
C LEU B 48 17.63 -6.63 -3.57
N LEU B 49 17.95 -7.33 -4.66
CA LEU B 49 17.08 -7.40 -5.82
C LEU B 49 16.40 -8.76 -5.87
N LEU B 50 15.09 -8.74 -6.03
CA LEU B 50 14.33 -9.94 -6.35
C LEU B 50 13.60 -9.69 -7.67
N SER B 51 13.77 -10.59 -8.62
CA SER B 51 13.22 -10.36 -9.94
C SER B 51 12.37 -11.56 -10.33
N ALA B 52 11.11 -11.28 -10.67
CA ALA B 52 10.22 -12.28 -11.22
C ALA B 52 10.17 -12.24 -12.73
N HIS B 53 11.10 -11.52 -13.36
CA HIS B 53 11.17 -11.45 -14.80
C HIS B 53 11.23 -12.86 -15.41
N PRO B 54 10.44 -13.14 -16.45
CA PRO B 54 10.36 -14.52 -16.97
C PRO B 54 11.69 -15.09 -17.47
N VAL B 55 12.69 -14.25 -17.79
CA VAL B 55 14.00 -14.71 -18.23
C VAL B 55 15.07 -14.44 -17.18
N PHE B 56 15.09 -13.23 -16.63
CA PHE B 56 16.17 -12.75 -15.79
C PHE B 56 15.92 -12.97 -14.30
N GLY B 57 14.82 -13.63 -13.95
CA GLY B 57 14.45 -13.81 -12.56
C GLY B 57 15.60 -14.32 -11.75
N ARG B 58 15.83 -13.68 -10.60
CA ARG B 58 16.96 -14.02 -9.75
C ARG B 58 16.77 -13.27 -8.44
N ILE B 59 17.53 -13.65 -7.43
CA ILE B 59 17.66 -12.89 -6.20
C ILE B 59 19.16 -12.65 -6.00
N GLN B 60 19.50 -11.46 -5.53
CA GLN B 60 20.87 -10.99 -5.71
C GLN B 60 21.08 -9.74 -4.89
N LEU B 61 22.24 -9.62 -4.24
CA LEU B 61 22.68 -8.30 -3.82
C LEU B 61 23.19 -7.56 -5.05
N THR B 62 23.05 -6.23 -5.05
CA THR B 62 23.46 -5.49 -6.23
C THR B 62 24.00 -4.12 -5.85
N GLN B 63 24.91 -3.64 -6.69
CA GLN B 63 25.43 -2.28 -6.60
C GLN B 63 24.81 -1.37 -7.64
N THR B 64 23.75 -1.80 -8.32
CA THR B 64 23.09 -0.96 -9.29
C THR B 64 22.07 -0.04 -8.63
N THR B 65 21.74 1.03 -9.34
CA THR B 65 20.76 2.03 -8.91
C THR B 65 19.54 1.96 -9.81
N PHE B 66 18.39 2.26 -9.22
CA PHE B 66 17.13 2.06 -9.92
C PHE B 66 16.34 3.36 -9.86
N GLU B 67 15.60 3.62 -10.92
CA GLU B 67 14.66 4.74 -10.96
C GLU B 67 13.31 4.27 -10.42
N ASN B 68 12.96 4.72 -9.23
CA ASN B 68 11.70 4.31 -8.64
C ASN B 68 10.54 5.01 -9.34
N PRO B 69 9.35 4.40 -9.30
CA PRO B 69 8.17 5.07 -9.89
C PRO B 69 7.70 6.21 -9.00
N ALA B 70 6.83 7.05 -9.58
CA ALA B 70 6.37 8.25 -8.89
C ALA B 70 5.48 7.92 -7.70
N GLN B 71 4.69 6.86 -7.82
CA GLN B 71 3.81 6.44 -6.74
C GLN B 71 3.93 4.94 -6.55
N PRO B 72 3.94 4.45 -5.31
CA PRO B 72 3.98 3.00 -5.10
C PRO B 72 2.70 2.34 -5.57
N SER B 73 2.83 1.20 -6.21
CA SER B 73 1.68 0.41 -6.59
C SER B 73 0.94 -0.07 -5.35
N THR B 74 -0.28 -0.58 -5.56
CA THR B 74 -0.96 -1.31 -4.49
C THR B 74 -0.05 -2.39 -3.91
N PHE B 75 0.65 -3.13 -4.78
CA PHE B 75 1.54 -4.19 -4.31
C PHE B 75 2.54 -3.66 -3.29
N ILE B 76 3.11 -2.48 -3.56
CA ILE B 76 4.22 -1.99 -2.75
C ILE B 76 3.73 -1.49 -1.40
N MET B 77 2.59 -0.80 -1.39
CA MET B 77 2.05 -0.29 -0.13
C MET B 77 1.70 -1.41 0.83
N VAL B 78 1.18 -2.53 0.31
CA VAL B 78 0.95 -3.70 1.15
C VAL B 78 2.27 -4.25 1.67
N LEU B 79 3.30 -4.32 0.82
CA LEU B 79 4.58 -4.80 1.32
C LEU B 79 5.18 -3.85 2.34
N ARG B 80 5.03 -2.53 2.11
CA ARG B 80 5.60 -1.58 3.05
C ARG B 80 4.93 -1.71 4.42
N LYS B 81 3.59 -1.83 4.42
CA LYS B 81 2.84 -2.02 5.65
C LYS B 81 3.45 -3.11 6.55
N TYR B 82 4.03 -4.16 5.95
CA TYR B 82 4.64 -5.20 6.76
C TYR B 82 6.16 -5.13 6.80
N LEU B 83 6.81 -4.60 5.78
CA LEU B 83 8.26 -4.74 5.69
C LEU B 83 9.02 -3.49 6.11
N GLN B 84 8.38 -2.32 6.08
CA GLN B 84 9.03 -1.07 6.48
C GLN B 84 9.54 -1.16 7.92
N GLY B 85 10.86 -1.16 8.10
CA GLY B 85 11.45 -1.33 9.41
C GLY B 85 11.54 -2.75 9.89
N ALA B 86 11.25 -3.74 9.04
CA ALA B 86 11.19 -5.10 9.52
C ALA B 86 12.58 -5.63 9.82
N LEU B 87 12.64 -6.63 10.68
CA LEU B 87 13.88 -7.33 11.01
C LEU B 87 13.93 -8.62 10.20
N ILE B 88 15.08 -8.90 9.63
CA ILE B 88 15.24 -10.08 8.78
C ILE B 88 15.66 -11.24 9.68
N GLU B 89 14.77 -12.22 9.84
CA GLU B 89 15.04 -13.25 10.83
C GLU B 89 15.80 -14.44 10.27
N SER B 90 15.47 -14.87 9.05
CA SER B 90 16.12 -16.01 8.44
C SER B 90 16.00 -15.87 6.92
N ILE B 91 16.96 -16.45 6.19
CA ILE B 91 16.92 -16.48 4.74
C ILE B 91 17.24 -17.90 4.30
N GLU B 92 16.28 -18.56 3.64
CA GLU B 92 16.35 -20.00 3.48
C GLU B 92 15.94 -20.39 2.06
N GLN B 93 16.76 -21.24 1.45
CA GLN B 93 16.36 -21.95 0.24
C GLN B 93 15.49 -23.14 0.62
N VAL B 94 14.44 -23.38 -0.16
CA VAL B 94 13.66 -24.61 0.00
C VAL B 94 14.41 -25.73 -0.69
N GLU B 95 14.98 -26.65 0.09
CA GLU B 95 15.63 -27.84 -0.46
C GLU B 95 16.72 -27.37 -1.43
N ASN B 96 16.78 -27.88 -2.66
CA ASN B 96 17.65 -27.34 -3.70
C ASN B 96 16.83 -26.82 -4.86
N ASP B 97 15.59 -26.42 -4.60
CA ASP B 97 14.74 -25.86 -5.63
C ASP B 97 15.02 -24.37 -5.76
N ARG B 98 14.43 -23.75 -6.78
CA ARG B 98 14.63 -22.32 -7.05
C ARG B 98 13.58 -21.48 -6.33
N ILE B 99 13.61 -21.57 -4.99
CA ILE B 99 12.67 -20.85 -4.13
C ILE B 99 13.43 -20.36 -2.90
N VAL B 100 13.26 -19.08 -2.57
CA VAL B 100 13.85 -18.51 -1.37
C VAL B 100 12.77 -17.91 -0.49
N GLU B 101 12.89 -18.16 0.81
CA GLU B 101 11.98 -17.66 1.82
C GLU B 101 12.75 -16.80 2.82
N ILE B 102 12.23 -15.60 3.04
CA ILE B 102 12.81 -14.61 3.91
C ILE B 102 11.78 -14.35 4.99
N THR B 103 12.09 -14.75 6.22
CA THR B 103 11.17 -14.52 7.32
C THR B 103 11.55 -13.21 8.01
N VAL B 104 10.52 -12.42 8.31
CA VAL B 104 10.68 -11.10 8.91
C VAL B 104 9.67 -10.95 10.04
N SER B 105 10.01 -10.08 10.97
CA SER B 105 9.12 -9.68 12.04
C SER B 105 9.13 -8.16 12.09
N ASN B 106 8.01 -7.60 12.51
CA ASN B 106 7.81 -6.16 12.54
C ASN B 106 6.77 -5.84 13.61
N LYS B 107 6.54 -4.55 13.82
CA LYS B 107 5.39 -4.13 14.60
C LYS B 107 4.33 -3.61 13.63
N ASN B 108 3.08 -3.57 14.10
CA ASN B 108 2.02 -2.87 13.36
C ASN B 108 1.83 -1.49 13.99
N GLU B 109 0.75 -0.81 13.61
CA GLU B 109 0.64 0.60 13.97
C GLU B 109 0.18 0.82 15.40
N ILE B 110 -0.13 -0.23 16.18
CA ILE B 110 -0.37 -0.10 17.61
C ILE B 110 0.70 -0.84 18.40
N GLY B 111 1.81 -1.18 17.78
CA GLY B 111 2.92 -1.78 18.48
C GLY B 111 2.82 -3.27 18.68
N ASP B 112 1.83 -3.93 18.08
CA ASP B 112 1.75 -5.37 18.16
C ASP B 112 2.71 -6.02 17.16
N HIS B 113 3.32 -7.13 17.60
CA HIS B 113 4.28 -7.92 16.82
C HIS B 113 3.56 -8.67 15.69
N ILE B 114 4.14 -8.62 14.49
CA ILE B 114 3.65 -9.37 13.33
C ILE B 114 4.82 -10.12 12.73
N GLN B 115 4.51 -11.18 11.97
CA GLN B 115 5.50 -11.94 11.22
C GLN B 115 5.00 -12.19 9.80
N ALA B 116 5.94 -12.24 8.85
CA ALA B 116 5.57 -12.52 7.47
C ALA B 116 6.76 -13.17 6.76
N THR B 117 6.48 -13.84 5.66
CA THR B 117 7.50 -14.50 4.85
C THR B 117 7.48 -13.91 3.45
N LEU B 118 8.62 -13.43 2.99
CA LEU B 118 8.76 -12.92 1.64
C LEU B 118 9.36 -14.03 0.80
N ILE B 119 8.63 -14.47 -0.23
CA ILE B 119 8.96 -15.66 -1.01
C ILE B 119 9.20 -15.26 -2.46
N ILE B 120 10.33 -15.69 -3.03
CA ILE B 120 10.56 -15.56 -4.47
C ILE B 120 10.66 -16.96 -5.06
N GLU B 121 9.88 -17.20 -6.11
CA GLU B 121 9.90 -18.43 -6.88
C GLU B 121 10.44 -18.08 -8.27
N ILE B 122 11.55 -18.69 -8.63
CA ILE B 122 12.20 -18.45 -9.91
C ILE B 122 11.89 -19.67 -10.77
N MET B 123 10.81 -19.58 -11.53
CA MET B 123 10.19 -20.67 -12.28
C MET B 123 9.85 -20.22 -13.68
N GLY B 124 10.79 -19.57 -14.35
CA GLY B 124 10.58 -19.12 -15.71
C GLY B 124 9.29 -18.33 -15.89
N LYS B 125 8.42 -18.84 -16.77
CA LYS B 125 7.16 -18.17 -17.07
C LYS B 125 6.29 -17.95 -15.83
N HIS B 126 6.46 -18.80 -14.81
CA HIS B 126 5.64 -18.73 -13.61
C HIS B 126 6.35 -18.10 -12.43
N SER B 127 7.52 -17.49 -12.65
CA SER B 127 8.21 -16.80 -11.57
C SER B 127 7.28 -15.78 -10.92
N ASN B 128 7.44 -15.60 -9.62
CA ASN B 128 6.58 -14.71 -8.86
C ASN B 128 7.22 -14.36 -7.52
N ILE B 129 6.72 -13.28 -6.92
CA ILE B 129 7.20 -12.77 -5.64
C ILE B 129 5.97 -12.53 -4.77
N LEU B 130 5.99 -13.10 -3.57
CA LEU B 130 4.81 -13.18 -2.73
C LEU B 130 5.20 -12.84 -1.31
N LEU B 131 4.30 -12.13 -0.63
CA LEU B 131 4.40 -11.88 0.81
C LEU B 131 3.27 -12.65 1.47
N VAL B 132 3.60 -13.46 2.46
CA VAL B 132 2.64 -14.38 3.05
C VAL B 132 2.63 -14.14 4.55
N ASP B 133 1.44 -14.00 5.13
CA ASP B 133 1.39 -13.83 6.57
C ASP B 133 1.71 -15.15 7.27
N LYS B 134 2.55 -15.07 8.29
CA LYS B 134 3.16 -16.27 8.85
C LYS B 134 2.16 -17.11 9.65
N SER B 135 1.21 -16.48 10.34
CA SER B 135 0.24 -17.24 11.13
C SER B 135 -0.90 -17.78 10.27
N SER B 136 -1.58 -16.89 9.54
CA SER B 136 -2.70 -17.31 8.71
C SER B 136 -2.27 -18.10 7.48
N HIS B 137 -1.03 -17.92 7.00
CA HIS B 137 -0.52 -18.53 5.77
C HIS B 137 -1.30 -18.07 4.53
N LYS B 138 -1.87 -16.87 4.60
CA LYS B 138 -2.55 -16.24 3.49
C LYS B 138 -1.61 -15.29 2.77
N ILE B 139 -1.74 -15.22 1.44
CA ILE B 139 -0.97 -14.25 0.67
C ILE B 139 -1.44 -12.85 1.05
N LEU B 140 -0.53 -12.04 1.58
CA LEU B 140 -0.85 -10.65 1.82
C LEU B 140 -0.84 -9.86 0.50
N GLU B 141 0.05 -10.21 -0.42
CA GLU B 141 0.17 -9.53 -1.70
C GLU B 141 1.18 -10.31 -2.55
N VAL B 142 1.13 -10.10 -3.87
CA VAL B 142 1.88 -10.96 -4.77
C VAL B 142 2.08 -10.20 -6.08
N ILE B 143 3.32 -10.21 -6.58
CA ILE B 143 3.67 -9.26 -7.61
C ILE B 143 3.02 -9.57 -8.96
N LYS B 144 2.65 -10.82 -9.20
CA LYS B 144 1.92 -11.19 -10.41
C LYS B 144 0.64 -11.92 -10.00
N HIS B 145 -0.49 -11.21 -10.01
CA HIS B 145 -1.75 -11.85 -9.67
C HIS B 145 -2.13 -12.88 -10.72
N VAL B 146 -2.61 -14.04 -10.28
CA VAL B 146 -3.08 -15.09 -11.17
C VAL B 146 -4.41 -15.57 -10.62
N GLY B 147 -5.49 -15.31 -11.34
CA GLY B 147 -6.82 -15.63 -10.85
C GLY B 147 -7.15 -17.09 -11.00
N PHE B 148 -8.33 -17.44 -10.52
CA PHE B 148 -8.84 -18.79 -10.69
C PHE B 148 -9.22 -19.06 -12.14
N SER B 149 -8.92 -20.29 -12.60
CA SER B 149 -9.44 -20.82 -13.85
C SER B 149 -9.66 -22.33 -13.69
N GLN B 150 -10.25 -22.95 -14.72
CA GLN B 150 -10.51 -24.39 -14.69
C GLN B 150 -9.23 -25.20 -14.51
N ASN B 151 -8.09 -24.68 -14.98
CA ASN B 151 -6.84 -25.43 -14.98
C ASN B 151 -5.79 -24.88 -14.02
N SER B 152 -6.12 -23.88 -13.22
CA SER B 152 -5.12 -23.30 -12.32
C SER B 152 -4.79 -24.27 -11.19
N TYR B 153 -3.50 -24.47 -10.94
CA TYR B 153 -3.07 -25.28 -9.80
C TYR B 153 -3.35 -24.55 -8.50
N ARG B 154 -3.13 -23.23 -8.48
CA ARG B 154 -3.30 -22.45 -7.28
C ARG B 154 -3.79 -21.07 -7.66
N THR B 155 -4.44 -20.41 -6.73
CA THR B 155 -4.86 -19.04 -6.95
C THR B 155 -3.83 -18.14 -6.28
N LEU B 156 -3.25 -17.22 -7.06
CA LEU B 156 -2.25 -16.30 -6.54
C LEU B 156 -2.89 -14.93 -6.42
N LEU B 157 -3.61 -14.74 -5.32
CA LEU B 157 -4.33 -13.50 -5.11
C LEU B 157 -4.27 -13.16 -3.63
N PRO B 158 -4.25 -11.89 -3.26
CA PRO B 158 -4.36 -11.52 -1.84
C PRO B 158 -5.52 -12.25 -1.18
N GLY B 159 -5.28 -12.74 0.04
CA GLY B 159 -6.27 -13.45 0.80
C GLY B 159 -6.28 -14.95 0.59
N SER B 160 -5.82 -15.43 -0.57
CA SER B 160 -5.69 -16.86 -0.80
C SER B 160 -4.60 -17.44 0.08
N THR B 161 -4.79 -18.70 0.47
CA THR B 161 -3.79 -19.42 1.23
C THR B 161 -2.64 -19.83 0.30
N TYR B 162 -1.42 -19.67 0.79
CA TYR B 162 -0.25 -19.91 -0.06
C TYR B 162 -0.11 -21.40 -0.33
N ILE B 163 0.14 -21.73 -1.59
CA ILE B 163 0.45 -23.10 -2.01
C ILE B 163 1.78 -23.06 -2.74
N ALA B 164 2.69 -23.96 -2.36
CA ALA B 164 3.98 -24.06 -3.02
C ALA B 164 3.81 -24.54 -4.46
N PRO B 165 4.79 -24.27 -5.31
CA PRO B 165 4.73 -24.78 -6.66
C PRO B 165 4.71 -26.30 -6.67
N PRO B 166 4.18 -26.90 -7.73
CA PRO B 166 4.37 -28.34 -7.93
C PRO B 166 5.84 -28.74 -7.86
N SER B 167 6.23 -29.52 -6.87
CA SER B 167 7.61 -30.05 -6.86
C SER B 167 7.79 -31.17 -7.89
N SER B 170 12.17 -35.57 -7.51
CA SER B 170 13.58 -35.91 -7.58
C SER B 170 14.27 -35.70 -6.24
N LEU B 171 15.62 -35.62 -6.23
CA LEU B 171 16.41 -35.80 -5.02
C LEU B 171 17.41 -34.66 -4.82
N ASN B 172 17.49 -34.16 -3.60
CA ASN B 172 18.42 -33.08 -3.29
C ASN B 172 19.85 -33.60 -3.30
N PRO B 173 20.71 -33.13 -4.23
CA PRO B 173 22.06 -33.71 -4.34
C PRO B 173 22.98 -33.33 -3.19
N PHE B 174 22.68 -32.27 -2.45
CA PHE B 174 23.55 -31.88 -1.34
C PHE B 174 23.40 -32.82 -0.15
N THR B 175 22.23 -33.42 0.04
CA THR B 175 21.90 -34.12 1.27
C THR B 175 21.61 -35.60 1.07
N ILE B 176 21.67 -36.11 -0.16
CA ILE B 176 21.36 -37.53 -0.37
C ILE B 176 22.38 -38.38 0.35
N LYS B 177 21.91 -39.51 0.88
CA LYS B 177 22.74 -40.38 1.70
C LYS B 177 23.66 -41.25 0.84
N ASP B 178 24.75 -41.68 1.46
CA ASP B 178 25.73 -42.49 0.76
C ASP B 178 25.08 -43.67 0.04
N GLU B 179 24.23 -44.41 0.75
CA GLU B 179 23.69 -45.65 0.22
C GLU B 179 22.89 -45.41 -1.05
N LYS B 180 22.01 -44.41 -1.03
CA LYS B 180 21.21 -44.08 -2.22
C LYS B 180 22.10 -43.57 -3.35
N LEU B 181 23.11 -42.75 -3.00
CA LEU B 181 23.95 -42.14 -4.04
C LEU B 181 24.80 -43.19 -4.74
N PHE B 182 25.35 -44.14 -3.98
CA PHE B 182 26.18 -45.21 -4.56
C PHE B 182 25.36 -46.03 -5.55
N GLU B 183 24.18 -46.49 -5.12
CA GLU B 183 23.26 -47.22 -6.00
C GLU B 183 23.00 -46.45 -7.29
N ILE B 184 22.70 -45.16 -7.17
CA ILE B 184 22.45 -44.32 -8.35
C ILE B 184 23.68 -44.29 -9.25
N LEU B 185 24.87 -44.16 -8.67
CA LEU B 185 26.06 -44.04 -9.49
C LEU B 185 26.51 -45.40 -10.04
N GLN B 186 26.12 -46.49 -9.38
CA GLN B 186 26.46 -47.82 -9.87
C GLN B 186 25.58 -48.23 -11.05
N THR B 187 24.33 -47.81 -11.04
CA THR B 187 23.32 -48.35 -11.95
C THR B 187 22.74 -47.34 -12.93
N GLN B 188 22.62 -46.06 -12.55
CA GLN B 188 21.92 -45.12 -13.41
C GLN B 188 22.83 -44.56 -14.48
N GLU B 189 22.23 -44.15 -15.60
CA GLU B 189 22.97 -43.48 -16.66
C GLU B 189 23.23 -42.04 -16.21
N LEU B 190 24.51 -41.68 -16.15
CA LEU B 190 24.87 -40.36 -15.66
C LEU B 190 25.02 -39.36 -16.78
N THR B 191 24.12 -39.41 -17.76
CA THR B 191 24.05 -38.34 -18.75
C THR B 191 23.54 -37.06 -18.09
N ALA B 192 23.86 -35.94 -18.74
CA ALA B 192 23.40 -34.63 -18.28
C ALA B 192 21.90 -34.66 -18.00
N LYS B 193 21.13 -35.25 -18.91
CA LYS B 193 19.68 -35.24 -18.79
C LYS B 193 19.20 -36.18 -17.69
N ASN B 194 19.80 -37.36 -17.55
CA ASN B 194 19.33 -38.22 -16.47
C ASN B 194 19.70 -37.67 -15.10
N LEU B 195 20.81 -36.93 -15.02
CA LEU B 195 21.14 -36.27 -13.75
C LEU B 195 20.13 -35.19 -13.42
N GLN B 196 19.65 -34.45 -14.43
CA GLN B 196 18.65 -33.42 -14.17
C GLN B 196 17.36 -34.04 -13.68
N SER B 197 17.01 -35.21 -14.21
CA SER B 197 15.82 -35.92 -13.76
C SER B 197 16.02 -36.62 -12.42
N LEU B 198 17.25 -37.04 -12.10
CA LEU B 198 17.46 -37.65 -10.80
C LEU B 198 17.57 -36.59 -9.69
N PHE B 199 18.15 -35.45 -9.98
CA PHE B 199 18.49 -34.50 -8.93
C PHE B 199 17.77 -33.18 -9.14
N GLN B 200 17.40 -32.58 -8.00
CA GLN B 200 16.67 -31.32 -7.93
C GLN B 200 17.64 -30.14 -8.02
N GLY B 201 17.29 -29.15 -8.83
CA GLY B 201 18.04 -27.91 -8.81
C GLY B 201 19.27 -27.89 -9.68
N LEU B 202 19.29 -28.71 -10.72
CA LEU B 202 20.41 -28.81 -11.64
C LEU B 202 19.98 -28.22 -12.98
N GLY B 203 20.49 -27.02 -13.31
CA GLY B 203 20.34 -26.50 -14.65
C GLY B 203 21.13 -27.33 -15.64
N ARG B 204 20.96 -27.03 -16.93
CA ARG B 204 21.58 -27.89 -17.94
C ARG B 204 23.09 -27.70 -17.97
N ASP B 205 23.57 -26.46 -17.79
CA ASP B 205 25.02 -26.26 -17.76
C ASP B 205 25.64 -26.92 -16.53
N THR B 206 25.02 -26.75 -15.36
CA THR B 206 25.46 -27.49 -14.18
C THR B 206 25.52 -28.98 -14.45
N ALA B 207 24.48 -29.53 -15.10
CA ALA B 207 24.45 -30.97 -15.31
C ALA B 207 25.46 -31.42 -16.34
N ASN B 208 25.77 -30.58 -17.33
CA ASN B 208 26.84 -30.97 -18.25
C ASN B 208 28.15 -31.05 -17.51
N GLU B 209 28.40 -30.09 -16.62
CA GLU B 209 29.63 -30.09 -15.84
C GLU B 209 29.71 -31.31 -14.93
N LEU B 210 28.62 -31.62 -14.25
CA LEU B 210 28.61 -32.82 -13.42
C LEU B 210 28.81 -34.07 -14.28
N GLU B 211 28.07 -34.19 -15.39
CA GLU B 211 28.29 -35.32 -16.29
C GLU B 211 29.76 -35.41 -16.67
N ARG B 212 30.37 -34.29 -17.04
CA ARG B 212 31.78 -34.31 -17.44
C ARG B 212 32.67 -34.74 -16.30
N ILE B 213 32.31 -34.35 -15.07
CA ILE B 213 33.15 -34.66 -13.93
C ILE B 213 33.17 -36.15 -13.66
N LEU B 214 32.00 -36.79 -13.72
CA LEU B 214 31.91 -38.20 -13.41
C LEU B 214 32.57 -39.03 -14.50
N VAL B 215 32.39 -38.65 -15.76
CA VAL B 215 33.10 -39.27 -16.87
C VAL B 215 34.61 -39.19 -16.65
N SER B 216 35.11 -37.98 -16.43
CA SER B 216 36.53 -37.78 -16.20
C SER B 216 37.03 -38.57 -15.00
N GLU B 217 36.24 -38.62 -13.93
CA GLU B 217 36.68 -39.33 -12.73
C GLU B 217 36.74 -40.83 -12.99
N LYS B 218 35.80 -41.35 -13.75
CA LYS B 218 35.79 -42.75 -14.12
C LYS B 218 37.08 -43.16 -14.82
N LEU B 219 37.52 -42.35 -15.79
CA LEU B 219 38.74 -42.66 -16.53
C LEU B 219 39.95 -42.61 -15.62
N SER B 220 40.01 -41.60 -14.77
CA SER B 220 41.13 -41.43 -13.86
C SER B 220 41.21 -42.57 -12.87
N ALA B 221 40.06 -43.04 -12.38
CA ALA B 221 40.07 -44.16 -11.46
C ALA B 221 40.54 -45.42 -12.17
N PHE B 222 40.13 -45.59 -13.42
CA PHE B 222 40.54 -46.77 -14.19
C PHE B 222 42.05 -46.77 -14.36
N ARG B 223 42.62 -45.63 -14.77
CA ARG B 223 44.06 -45.53 -14.94
C ARG B 223 44.80 -45.80 -13.64
N ASN B 224 44.34 -45.22 -12.54
CA ASN B 224 45.04 -45.42 -11.28
C ASN B 224 45.03 -46.88 -10.87
N PHE B 225 43.88 -47.55 -11.02
CA PHE B 225 43.77 -48.93 -10.59
C PHE B 225 44.80 -49.81 -11.27
N PHE B 226 45.13 -49.51 -12.53
CA PHE B 226 46.09 -50.28 -13.31
C PHE B 226 47.48 -49.66 -13.33
N ASN B 227 47.70 -48.64 -12.51
CA ASN B 227 49.00 -48.00 -12.45
C ASN B 227 49.23 -47.51 -11.02
N GLN B 228 49.27 -48.46 -10.09
CA GLN B 228 49.37 -48.15 -8.67
C GLN B 228 50.35 -49.11 -8.04
N GLU B 229 50.89 -48.69 -6.91
CA GLU B 229 51.91 -49.45 -6.19
C GLU B 229 51.38 -50.81 -5.73
N THR B 230 52.23 -51.83 -5.82
CA THR B 230 51.90 -53.17 -5.32
C THR B 230 51.76 -53.14 -3.80
N LYS B 231 50.69 -53.75 -3.30
CA LYS B 231 50.40 -53.83 -1.87
C LYS B 231 49.80 -55.20 -1.59
N PRO B 232 50.63 -56.22 -1.41
CA PRO B 232 50.11 -57.59 -1.29
C PRO B 232 49.21 -57.76 -0.07
N CYS B 233 48.03 -58.33 -0.29
CA CYS B 233 47.12 -58.65 0.81
C CYS B 233 46.40 -59.97 0.50
N LEU B 234 46.01 -60.66 1.57
CA LEU B 234 45.05 -61.74 1.45
C LEU B 234 43.63 -61.19 1.31
N THR B 235 42.73 -62.05 0.84
CA THR B 235 41.30 -61.79 0.93
C THR B 235 40.67 -62.95 1.69
N GLU B 236 39.33 -62.93 1.76
CA GLU B 236 38.59 -63.97 2.48
C GLU B 236 38.92 -65.36 1.93
N THR B 237 38.94 -65.51 0.61
CA THR B 237 39.15 -66.80 -0.04
C THR B 237 40.38 -66.82 -0.96
N SER B 238 41.13 -65.73 -1.04
CA SER B 238 42.14 -65.64 -2.07
C SER B 238 43.19 -64.59 -1.72
N PHE B 239 43.55 -63.75 -2.69
CA PHE B 239 44.64 -62.82 -2.47
C PHE B 239 44.65 -61.82 -3.61
N SER B 240 45.26 -60.68 -3.37
CA SER B 240 45.21 -59.60 -4.33
C SER B 240 46.55 -58.90 -4.30
N PRO B 241 46.91 -58.20 -5.38
CA PRO B 241 48.20 -57.49 -5.44
C PRO B 241 48.12 -56.08 -4.92
N VAL B 242 46.90 -55.59 -4.76
CA VAL B 242 46.57 -54.38 -4.02
C VAL B 242 45.36 -54.73 -3.16
N PRO B 243 45.07 -53.93 -2.13
CA PRO B 243 43.96 -54.30 -1.25
C PRO B 243 42.62 -54.24 -1.99
N PHE B 244 41.82 -55.30 -1.80
CA PHE B 244 40.46 -55.38 -2.30
C PHE B 244 39.47 -55.11 -1.17
N ALA B 245 38.20 -54.96 -1.52
CA ALA B 245 37.21 -54.59 -0.51
C ALA B 245 37.04 -55.66 0.57
N ASN B 246 37.24 -56.94 0.23
CA ASN B 246 37.08 -58.00 1.23
C ASN B 246 38.43 -58.51 1.72
N GLN B 247 39.32 -57.57 2.03
CA GLN B 247 40.66 -57.87 2.52
C GLN B 247 40.61 -58.67 3.82
N ALA B 248 41.61 -59.53 4.01
CA ALA B 248 41.73 -60.38 5.17
C ALA B 248 43.12 -60.23 5.78
N GLY B 249 43.16 -59.84 7.05
CA GLY B 249 44.42 -59.65 7.73
C GLY B 249 45.11 -58.38 7.25
N GLU B 250 46.43 -58.37 7.41
CA GLU B 250 47.29 -57.25 7.10
C GLU B 250 48.21 -57.54 5.90
N PRO B 251 48.77 -56.48 5.26
CA PRO B 251 49.57 -56.69 4.05
C PRO B 251 50.90 -57.38 4.27
N PHE B 252 51.59 -57.66 3.17
CA PHE B 252 52.87 -58.35 3.17
C PHE B 252 53.91 -57.47 2.49
N ALA B 253 55.18 -57.79 2.73
CA ALA B 253 56.24 -57.00 2.13
C ALA B 253 56.31 -57.23 0.63
N ASN B 254 55.89 -58.40 0.16
CA ASN B 254 55.98 -58.67 -1.26
C ASN B 254 55.07 -59.84 -1.60
N LEU B 255 54.94 -60.09 -2.89
CA LEU B 255 54.00 -61.10 -3.35
C LEU B 255 54.49 -62.50 -3.03
N SER B 256 55.81 -62.69 -2.86
CA SER B 256 56.35 -63.98 -2.49
C SER B 256 55.88 -64.39 -1.10
N ASP B 257 56.00 -63.49 -0.13
CA ASP B 257 55.53 -63.79 1.23
C ASP B 257 54.03 -64.03 1.25
N LEU B 258 53.28 -63.25 0.48
CA LEU B 258 51.83 -63.44 0.41
C LEU B 258 51.49 -64.84 -0.10
N LEU B 259 52.13 -65.26 -1.19
CA LEU B 259 51.80 -66.55 -1.80
C LEU B 259 52.37 -67.73 -1.00
N ASP B 260 53.59 -67.62 -0.48
CA ASP B 260 54.12 -68.65 0.43
C ASP B 260 53.13 -68.92 1.54
N THR B 261 52.55 -67.86 2.11
CA THR B 261 51.61 -67.99 3.21
C THR B 261 50.29 -68.56 2.73
N TYR B 262 49.77 -68.08 1.60
CA TYR B 262 48.51 -68.60 1.11
C TYR B 262 48.59 -70.09 0.82
N TYR B 263 49.69 -70.55 0.23
CA TYR B 263 49.76 -71.92 -0.29
C TYR B 263 50.40 -72.89 0.68
N LYS B 264 50.85 -72.42 1.85
CA LYS B 264 51.73 -73.19 2.71
C LYS B 264 51.17 -74.57 3.02
N ASN B 265 49.97 -74.63 3.55
CA ASN B 265 49.42 -75.92 3.95
C ASN B 265 48.32 -76.38 3.01
N LYS B 266 48.38 -75.96 1.75
CA LYS B 266 47.30 -76.25 0.84
C LYS B 266 47.26 -77.74 0.50
N LEU B 267 48.43 -78.37 0.41
CA LEU B 267 48.54 -79.78 0.07
C LEU B 267 49.58 -80.42 0.96
N GLU B 268 49.31 -81.65 1.39
CA GLU B 268 50.24 -82.38 2.24
C GLU B 268 50.97 -83.45 1.46
#